data_7TUD
#
_entry.id   7TUD
#
_cell.length_a   49.165
_cell.length_b   79.757
_cell.length_c   107.207
_cell.angle_alpha   90.000
_cell.angle_beta   90.000
_cell.angle_gamma   90.000
#
_symmetry.space_group_name_H-M   'P 21 21 21'
#
loop_
_entity.id
_entity.type
_entity.pdbx_description
1 polymer 'HLA class I histocompatibility antigen, B alpha chain'
2 polymer Beta-2-microglobulin
3 polymer 'EEFGRC peptide'
4 polymer 'GL dipeptide'
5 non-polymer 1,2-ETHANEDIOL
6 non-polymer GLYCEROL
7 water water
#
loop_
_entity_poly.entity_id
_entity_poly.type
_entity_poly.pdbx_seq_one_letter_code
_entity_poly.pdbx_strand_id
1 'polypeptide(L)'
;GSHSMRYFYTAMSRPGRGEPRFITVGYVDDTLFVRFDSDATSPRKEPRAPWIEQEGPEYWDRETQISKTNTQCYRENLRT
ALRYYNQSEAGSHIIQRMYGCDVGPDGRLLRGYDQYAYDGKDYIALNEDLSSWTAADTAAQITQRKWEAARVAEQDRAYL
EGLCVESLRRYLENGKETLQRADPPKTHVTHHPISDHEVTLRCWALGFYPAEITLTWQRDGEDQTQDTELVETRPAGDRT
FQKWAAVVVPSGEEQRYTCHVQHEGLPKPLTLRW
;
A
2 'polypeptide(L)'
;MIQRTPKIQVYSRHPAENGKSNFLNCYVSGFHPSDIEVDLLKNGERIEKVEHSDLSFSKDWSFYLLYYTEFTPTEKDEYA
CRVNHVTLSQPKIVKWDRDM
;
B
3 'polypeptide(L)' EEFGRC P
4 'polypeptide(L)' GL Q
#
# COMPACT_ATOMS: atom_id res chain seq x y z
N GLY A 1 -9.64 9.05 -16.86
CA GLY A 1 -10.36 8.16 -15.97
C GLY A 1 -10.50 8.70 -14.57
N SER A 2 -10.94 7.85 -13.65
CA SER A 2 -11.10 8.25 -12.26
C SER A 2 -9.77 8.18 -11.54
N HIS A 3 -9.62 9.01 -10.51
CA HIS A 3 -8.37 9.09 -9.80
C HIS A 3 -8.64 9.30 -8.33
N SER A 4 -7.63 8.98 -7.54
CA SER A 4 -7.73 9.14 -6.12
C SER A 4 -6.48 9.86 -5.64
N MET A 5 -6.66 10.68 -4.63
CA MET A 5 -5.57 11.14 -3.81
C MET A 5 -5.87 10.66 -2.40
N ARG A 6 -4.85 10.13 -1.76
CA ARG A 6 -4.99 9.60 -0.44
C ARG A 6 -3.76 9.99 0.34
N TYR A 7 -3.97 10.49 1.53
CA TYR A 7 -2.90 10.61 2.49
C TYR A 7 -3.12 9.54 3.54
N PHE A 8 -2.03 8.90 3.91
CA PHE A 8 -2.03 7.83 4.88
C PHE A 8 -1.10 8.29 5.98
N TYR A 9 -1.66 8.46 7.16
CA TYR A 9 -0.89 8.72 8.36
C TYR A 9 -0.71 7.42 9.08
N THR A 10 0.49 7.20 9.56
CA THR A 10 0.73 6.19 10.57
C THR A 10 1.45 6.89 11.70
N ALA A 11 0.87 6.86 12.88
CA ALA A 11 1.50 7.38 14.08
C ALA A 11 1.69 6.18 14.97
N MET A 12 2.94 5.88 15.29
CA MET A 12 3.30 4.66 15.99
C MET A 12 3.97 5.08 17.28
N SER A 13 3.28 4.92 18.40
CA SER A 13 3.97 5.15 19.65
C SER A 13 4.96 4.02 19.89
N ARG A 14 5.96 4.34 20.68
CA ARG A 14 7.03 3.40 20.95
C ARG A 14 7.62 3.83 22.28
N PRO A 15 6.89 3.62 23.36
CA PRO A 15 7.35 4.09 24.67
C PRO A 15 8.74 3.56 24.95
N GLY A 16 9.59 4.45 25.45
CA GLY A 16 10.97 4.13 25.68
C GLY A 16 11.86 4.32 24.48
N ARG A 17 11.29 4.55 23.31
CA ARG A 17 12.05 4.75 22.10
C ARG A 17 11.71 6.09 21.47
N GLY A 18 11.52 7.08 22.33
CA GLY A 18 11.21 8.42 21.86
C GLY A 18 9.74 8.61 21.62
N GLU A 19 9.46 9.68 20.90
CA GLU A 19 8.09 10.06 20.67
C GLU A 19 7.52 9.25 19.51
N PRO A 20 6.20 9.15 19.45
CA PRO A 20 5.59 8.35 18.40
C PRO A 20 6.02 8.83 17.03
N ARG A 21 6.44 7.87 16.21
CA ARG A 21 6.83 8.20 14.86
C ARG A 21 5.58 8.57 14.10
N PHE A 22 5.65 9.63 13.33
CA PHE A 22 4.54 10.02 12.49
C PHE A 22 5.02 9.98 11.06
N ILE A 23 4.35 9.19 10.24
CA ILE A 23 4.64 9.05 8.84
C ILE A 23 3.39 9.47 8.09
N THR A 24 3.59 10.23 7.04
CA THR A 24 2.52 10.47 6.09
C THR A 24 3.06 10.08 4.74
N VAL A 25 2.25 9.35 3.99
CA VAL A 25 2.53 9.15 2.58
C VAL A 25 1.31 9.63 1.83
N GLY A 26 1.55 10.34 0.75
CA GLY A 26 0.49 10.80 -0.12
C GLY A 26 0.60 10.00 -1.41
N TYR A 27 -0.53 9.56 -1.91
CA TYR A 27 -0.61 8.87 -3.17
C TYR A 27 -1.61 9.60 -4.02
N VAL A 28 -1.30 9.67 -5.30
CA VAL A 28 -2.33 9.82 -6.31
C VAL A 28 -2.43 8.47 -6.98
N ASP A 29 -3.62 7.86 -6.92
CA ASP A 29 -3.81 6.52 -7.44
C ASP A 29 -2.79 5.62 -6.75
N ASP A 30 -2.00 4.84 -7.50
CA ASP A 30 -1.00 3.96 -6.91
C ASP A 30 0.38 4.56 -6.99
N THR A 31 0.47 5.87 -7.09
CA THR A 31 1.73 6.57 -7.21
C THR A 31 1.94 7.33 -5.91
N LEU A 32 2.91 6.89 -5.14
CA LEU A 32 3.34 7.68 -4.01
C LEU A 32 3.97 8.96 -4.55
N PHE A 33 3.54 10.08 -4.03
CA PHE A 33 4.13 11.33 -4.47
C PHE A 33 4.70 12.17 -3.35
N VAL A 34 4.36 11.89 -2.11
CA VAL A 34 4.88 12.71 -1.03
C VAL A 34 5.01 11.84 0.19
N ARG A 35 5.98 12.15 1.01
CA ARG A 35 6.14 11.43 2.24
C ARG A 35 6.61 12.40 3.29
N PHE A 36 6.31 12.03 4.51
CA PHE A 36 6.83 12.72 5.66
C PHE A 36 7.09 11.67 6.70
N ASP A 37 8.20 11.80 7.39
CA ASP A 37 8.55 10.86 8.43
C ASP A 37 9.17 11.69 9.53
N SER A 38 8.53 11.71 10.69
CA SER A 38 9.09 12.44 11.81
C SER A 38 10.43 11.87 12.24
N ASP A 39 10.75 10.65 11.82
CA ASP A 39 12.05 10.07 12.10
C ASP A 39 13.09 10.42 11.06
N ALA A 40 12.70 11.07 9.98
CA ALA A 40 13.69 11.59 9.06
C ALA A 40 14.60 12.54 9.81
N THR A 41 15.86 12.60 9.39
CA THR A 41 16.82 13.46 10.08
C THR A 41 16.33 14.90 10.11
N SER A 42 15.76 15.37 9.02
CA SER A 42 15.15 16.70 8.93
C SER A 42 13.74 16.49 8.40
N PRO A 43 12.79 16.18 9.28
CA PRO A 43 11.44 15.86 8.81
C PRO A 43 10.85 16.96 7.95
N ARG A 44 10.50 16.58 6.74
CA ARG A 44 9.89 17.50 5.80
C ARG A 44 9.02 16.66 4.88
N LYS A 45 7.95 17.27 4.39
CA LYS A 45 7.28 16.66 3.27
C LYS A 45 8.28 16.58 2.13
N GLU A 46 8.47 15.39 1.60
CA GLU A 46 9.44 15.19 0.56
C GLU A 46 8.74 14.70 -0.69
N PRO A 47 9.11 15.23 -1.85
CA PRO A 47 8.56 14.71 -3.10
C PRO A 47 9.00 13.28 -3.32
N ARG A 48 8.07 12.46 -3.80
CA ARG A 48 8.36 11.09 -4.17
CA ARG A 48 8.37 11.09 -4.16
C ARG A 48 7.98 10.77 -5.60
N ALA A 49 7.48 11.76 -6.35
CA ALA A 49 7.13 11.64 -7.73
C ALA A 49 7.63 12.92 -8.38
N PRO A 50 8.14 12.85 -9.61
CA PRO A 50 8.72 14.05 -10.22
C PRO A 50 7.72 15.19 -10.37
N TRP A 51 6.45 14.87 -10.61
CA TRP A 51 5.49 15.92 -10.93
C TRP A 51 5.08 16.73 -9.72
N ILE A 52 5.37 16.26 -8.51
CA ILE A 52 5.12 17.07 -7.33
C ILE A 52 6.29 18.00 -7.04
N GLU A 53 7.45 17.78 -7.66
CA GLU A 53 8.62 18.59 -7.37
C GLU A 53 8.45 20.02 -7.85
N GLN A 54 7.61 20.25 -8.86
CA GLN A 54 7.38 21.59 -9.35
C GLN A 54 6.52 22.42 -8.42
N GLU A 55 5.87 21.81 -7.43
CA GLU A 55 5.19 22.60 -6.41
C GLU A 55 6.20 23.50 -5.73
N GLY A 56 5.87 24.77 -5.59
CA GLY A 56 6.79 25.75 -5.09
C GLY A 56 7.22 25.51 -3.66
N PRO A 57 8.19 26.28 -3.19
CA PRO A 57 8.62 26.15 -1.79
C PRO A 57 7.51 26.41 -0.80
N GLU A 58 6.57 27.30 -1.12
CA GLU A 58 5.45 27.54 -0.21
C GLU A 58 4.64 26.27 -0.02
N TYR A 59 4.45 25.51 -1.10
CA TYR A 59 3.77 24.21 -0.98
C TYR A 59 4.50 23.32 0.00
N TRP A 60 5.81 23.19 -0.17
CA TRP A 60 6.56 22.26 0.67
C TRP A 60 6.61 22.72 2.11
N ASP A 61 6.75 24.02 2.33
CA ASP A 61 6.71 24.55 3.69
C ASP A 61 5.35 24.31 4.32
N ARG A 62 4.28 24.58 3.60
CA ARG A 62 2.94 24.40 4.15
C ARG A 62 2.67 22.93 4.42
N GLU A 63 3.02 22.06 3.48
CA GLU A 63 2.80 20.63 3.65
C GLU A 63 3.63 20.08 4.78
N THR A 64 4.89 20.52 4.87
CA THR A 64 5.74 20.10 5.97
C THR A 64 5.18 20.56 7.30
N GLN A 65 4.71 21.81 7.36
CA GLN A 65 4.10 22.30 8.58
C GLN A 65 2.88 21.47 8.94
N ILE A 66 2.06 21.15 7.94
CA ILE A 66 0.92 20.28 8.19
C ILE A 66 1.40 18.99 8.83
N SER A 67 2.48 18.41 8.31
CA SER A 67 2.93 17.14 8.83
C SER A 67 3.57 17.27 10.19
N LYS A 68 4.27 18.36 10.46
CA LYS A 68 4.85 18.57 11.79
C LYS A 68 3.74 18.77 12.82
N THR A 69 2.80 19.64 12.50
CA THR A 69 1.63 19.82 13.34
C THR A 69 0.91 18.50 13.52
N ASN A 70 0.81 17.72 12.45
CA ASN A 70 0.18 16.41 12.54
C ASN A 70 0.98 15.49 13.44
N THR A 71 2.30 15.58 13.40
CA THR A 71 3.09 14.73 14.28
C THR A 71 2.69 15.00 15.71
N GLN A 72 2.64 16.27 16.08
CA GLN A 72 2.22 16.62 17.44
C GLN A 72 0.78 16.17 17.69
N CYS A 73 -0.10 16.44 16.74
CA CYS A 73 -1.50 16.10 16.90
C CYS A 73 -1.67 14.62 17.08
N TYR A 74 -0.94 13.82 16.32
CA TYR A 74 -1.13 12.39 16.37
C TYR A 74 -0.45 11.77 17.56
N ARG A 75 0.59 12.41 18.08
CA ARG A 75 1.08 12.01 19.39
C ARG A 75 0.04 12.31 20.46
N GLU A 76 -0.60 13.46 20.38
CA GLU A 76 -1.70 13.75 21.28
C GLU A 76 -2.81 12.72 21.09
N ASN A 77 -3.12 12.40 19.85
CA ASN A 77 -4.17 11.43 19.55
C ASN A 77 -3.83 10.07 20.13
N LEU A 78 -2.57 9.67 20.05
CA LEU A 78 -2.15 8.42 20.65
C LEU A 78 -2.37 8.44 22.15
N ARG A 79 -2.01 9.54 22.81
CA ARG A 79 -2.28 9.65 24.24
C ARG A 79 -3.78 9.57 24.50
N THR A 80 -4.56 10.27 23.69
CA THR A 80 -6.01 10.25 23.83
C THR A 80 -6.53 8.84 23.69
N ALA A 81 -6.05 8.11 22.70
CA ALA A 81 -6.50 6.75 22.47
C ALA A 81 -6.16 5.86 23.65
N LEU A 82 -4.96 6.04 24.22
CA LEU A 82 -4.63 5.32 25.45
C LEU A 82 -5.70 5.56 26.50
N ARG A 83 -6.08 6.82 26.67
CA ARG A 83 -7.13 7.11 27.64
C ARG A 83 -8.43 6.42 27.27
N TYR A 84 -8.84 6.55 26.01
CA TYR A 84 -10.13 6.04 25.58
C TYR A 84 -10.23 4.54 25.75
N TYR A 85 -9.11 3.84 25.68
CA TYR A 85 -9.10 2.40 25.77
C TYR A 85 -8.53 1.90 27.07
N ASN A 86 -8.27 2.81 28.02
CA ASN A 86 -7.76 2.43 29.33
C ASN A 86 -6.46 1.67 29.21
N GLN A 87 -5.63 2.08 28.27
CA GLN A 87 -4.40 1.38 27.98
C GLN A 87 -3.25 2.06 28.68
N SER A 88 -2.24 1.27 29.01
CA SER A 88 -1.08 1.82 29.67
C SER A 88 -0.25 2.62 28.68
N GLU A 89 0.57 3.52 29.22
CA GLU A 89 1.53 4.26 28.42
C GLU A 89 2.74 3.41 28.06
N ALA A 90 2.72 2.13 28.41
CA ALA A 90 3.85 1.24 28.15
C ALA A 90 3.79 0.59 26.78
N GLY A 91 2.60 0.45 26.22
CA GLY A 91 2.45 -0.28 24.99
C GLY A 91 2.63 0.61 23.77
N SER A 92 3.00 -0.03 22.67
CA SER A 92 3.11 0.64 21.40
CA SER A 92 3.12 0.64 21.40
C SER A 92 1.79 0.56 20.68
N HIS A 93 1.31 1.69 20.21
CA HIS A 93 0.03 1.73 19.54
C HIS A 93 0.17 2.52 18.25
N ILE A 94 -0.76 2.27 17.36
CA ILE A 94 -0.70 2.85 16.03
C ILE A 94 -2.03 3.51 15.77
N ILE A 95 -1.99 4.77 15.40
CA ILE A 95 -3.11 5.42 14.78
C ILE A 95 -2.81 5.51 13.30
N GLN A 96 -3.76 5.11 12.50
CA GLN A 96 -3.64 5.30 11.08
C GLN A 96 -4.79 6.16 10.63
N ARG A 97 -4.53 6.90 9.58
CA ARG A 97 -5.57 7.68 8.96
C ARG A 97 -5.37 7.54 7.48
N MET A 98 -6.45 7.31 6.76
CA MET A 98 -6.45 7.49 5.33
CA MET A 98 -6.47 7.48 5.33
C MET A 98 -7.50 8.53 5.04
N TYR A 99 -7.13 9.54 4.30
CA TYR A 99 -8.14 10.50 3.89
C TYR A 99 -7.81 10.95 2.50
N GLY A 100 -8.76 11.54 1.87
CA GLY A 100 -8.51 12.02 0.53
C GLY A 100 -9.76 11.90 -0.28
N CYS A 101 -9.60 11.97 -1.59
CA CYS A 101 -10.75 12.09 -2.45
C CYS A 101 -10.54 11.27 -3.69
N ASP A 102 -11.64 10.75 -4.21
CA ASP A 102 -11.73 10.20 -5.53
C ASP A 102 -12.43 11.24 -6.38
N VAL A 103 -11.87 11.49 -7.56
CA VAL A 103 -12.49 12.32 -8.58
C VAL A 103 -12.76 11.47 -9.80
N GLY A 104 -13.77 11.86 -10.56
CA GLY A 104 -14.06 11.22 -11.81
C GLY A 104 -13.19 11.76 -12.93
N PRO A 105 -13.46 11.29 -14.15
CA PRO A 105 -12.71 11.80 -15.31
C PRO A 105 -12.80 13.30 -15.46
N ASP A 106 -13.91 13.91 -15.07
CA ASP A 106 -14.07 15.36 -15.14
C ASP A 106 -13.45 16.09 -13.96
N GLY A 107 -12.75 15.38 -13.08
CA GLY A 107 -12.12 15.98 -11.94
C GLY A 107 -13.05 16.32 -10.80
N ARG A 108 -14.34 16.03 -10.91
CA ARG A 108 -15.26 16.33 -9.84
C ARG A 108 -15.20 15.25 -8.76
N LEU A 109 -15.41 15.69 -7.52
CA LEU A 109 -15.37 14.78 -6.39
C LEU A 109 -16.32 13.61 -6.60
N LEU A 110 -15.75 12.41 -6.66
CA LEU A 110 -16.57 11.22 -6.64
C LEU A 110 -16.92 10.84 -5.21
N ARG A 111 -15.91 10.86 -4.34
CA ARG A 111 -16.24 10.73 -2.94
C ARG A 111 -15.04 11.10 -2.10
N GLY A 112 -15.31 11.43 -0.84
CA GLY A 112 -14.27 11.78 0.07
C GLY A 112 -14.13 10.70 1.11
N TYR A 113 -12.98 10.69 1.75
CA TYR A 113 -12.70 9.72 2.79
C TYR A 113 -11.95 10.46 3.87
N ASP A 114 -12.25 10.10 5.09
CA ASP A 114 -11.37 10.43 6.19
C ASP A 114 -11.61 9.37 7.24
N GLN A 115 -10.77 8.36 7.27
CA GLN A 115 -11.00 7.26 8.17
C GLN A 115 -9.74 7.01 8.96
N TYR A 116 -9.96 6.47 10.13
CA TYR A 116 -8.94 6.36 11.13
C TYR A 116 -9.10 4.99 11.73
N ALA A 117 -7.95 4.43 12.04
CA ALA A 117 -7.86 3.17 12.73
C ALA A 117 -6.97 3.37 13.92
N TYR A 118 -7.22 2.56 14.93
CA TYR A 118 -6.35 2.48 16.09
C TYR A 118 -5.92 1.04 16.21
N ASP A 119 -4.61 0.83 16.24
CA ASP A 119 -4.04 -0.51 16.34
C ASP A 119 -4.59 -1.43 15.25
N GLY A 120 -4.72 -0.86 14.05
CA GLY A 120 -5.13 -1.61 12.89
C GLY A 120 -6.60 -1.92 12.81
N LYS A 121 -7.39 -1.45 13.75
CA LYS A 121 -8.82 -1.67 13.74
C LYS A 121 -9.49 -0.35 13.42
N ASP A 122 -10.50 -0.41 12.58
CA ASP A 122 -11.23 0.80 12.26
C ASP A 122 -11.65 1.49 13.53
N TYR A 123 -11.43 2.79 13.57
CA TYR A 123 -11.74 3.59 14.73
C TYR A 123 -12.89 4.51 14.41
N ILE A 124 -12.71 5.41 13.45
CA ILE A 124 -13.79 6.31 13.09
C ILE A 124 -13.60 6.64 11.63
N ALA A 125 -14.69 6.79 10.92
CA ALA A 125 -14.58 7.09 9.52
C ALA A 125 -15.62 8.14 9.20
N LEU A 126 -15.23 9.11 8.40
CA LEU A 126 -16.19 10.03 7.84
C LEU A 126 -17.05 9.24 6.88
N ASN A 127 -18.35 9.35 7.04
CA ASN A 127 -19.22 8.67 6.12
C ASN A 127 -19.14 9.33 4.76
N GLU A 128 -19.61 8.59 3.76
CA GLU A 128 -19.54 9.08 2.40
C GLU A 128 -20.29 10.41 2.26
N ASP A 129 -21.28 10.65 3.12
CA ASP A 129 -21.97 11.93 3.08
C ASP A 129 -21.06 13.09 3.44
N LEU A 130 -19.84 12.83 3.94
CA LEU A 130 -18.92 13.88 4.33
C LEU A 130 -19.52 14.77 5.40
N SER A 131 -20.49 14.23 6.13
CA SER A 131 -21.23 14.99 7.12
C SER A 131 -21.39 14.27 8.44
N SER A 132 -21.25 12.95 8.46
CA SER A 132 -21.46 12.18 9.66
C SER A 132 -20.32 11.18 9.79
N TRP A 133 -20.22 10.60 10.97
CA TRP A 133 -19.15 9.68 11.27
C TRP A 133 -19.72 8.32 11.62
N THR A 134 -18.94 7.31 11.32
CA THR A 134 -19.17 5.97 11.84
C THR A 134 -18.05 5.72 12.83
N ALA A 135 -18.41 5.64 14.09
CA ALA A 135 -17.47 5.32 15.15
C ALA A 135 -17.53 3.82 15.38
N ALA A 136 -16.36 3.20 15.48
CA ALA A 136 -16.32 1.75 15.58
C ALA A 136 -16.63 1.25 16.97
N ASP A 137 -16.48 2.10 17.98
CA ASP A 137 -16.65 1.68 19.35
C ASP A 137 -16.92 2.92 20.19
N THR A 138 -17.06 2.71 21.50
CA THR A 138 -17.44 3.81 22.37
C THR A 138 -16.31 4.82 22.53
N ALA A 139 -15.07 4.38 22.38
CA ALA A 139 -13.96 5.31 22.35
C ALA A 139 -14.08 6.23 21.13
N ALA A 140 -14.23 5.61 19.96
CA ALA A 140 -14.42 6.40 18.76
C ALA A 140 -15.67 7.24 18.85
N GLN A 141 -16.67 6.79 19.63
CA GLN A 141 -17.83 7.62 19.85
C GLN A 141 -17.48 8.89 20.60
N ILE A 142 -16.53 8.79 21.54
CA ILE A 142 -16.04 10.00 22.18
C ILE A 142 -15.42 10.92 21.14
N THR A 143 -14.54 10.37 20.31
CA THR A 143 -13.98 11.15 19.23
C THR A 143 -15.07 11.75 18.35
N GLN A 144 -16.06 10.96 18.02
CA GLN A 144 -17.13 11.42 17.14
C GLN A 144 -17.87 12.58 17.78
N ARG A 145 -18.18 12.48 19.07
CA ARG A 145 -18.82 13.59 19.76
CA ARG A 145 -18.80 13.58 19.78
C ARG A 145 -17.94 14.83 19.69
N LYS A 146 -16.63 14.67 19.92
CA LYS A 146 -15.73 15.82 19.86
CA LYS A 146 -15.73 15.81 19.87
C LYS A 146 -15.71 16.42 18.47
N TRP A 147 -15.68 15.57 17.45
CA TRP A 147 -15.55 16.05 16.08
C TRP A 147 -16.86 16.63 15.56
N GLU A 148 -17.98 16.11 16.03
CA GLU A 148 -19.27 16.74 15.74
C GLU A 148 -19.34 18.10 16.41
N ALA A 149 -18.88 18.18 17.66
CA ALA A 149 -18.82 19.48 18.33
C ALA A 149 -17.90 20.44 17.57
N ALA A 150 -16.79 19.92 17.05
CA ALA A 150 -15.81 20.73 16.35
C ALA A 150 -16.10 20.86 14.86
N ARG A 151 -17.23 20.33 14.39
CA ARG A 151 -17.60 20.41 12.98
C ARG A 151 -16.51 19.85 12.09
N VAL A 152 -15.84 18.79 12.57
CA VAL A 152 -14.74 18.22 11.82
C VAL A 152 -15.23 17.65 10.49
N ALA A 153 -16.42 17.06 10.49
CA ALA A 153 -16.94 16.54 9.23
C ALA A 153 -17.11 17.65 8.22
N GLU A 154 -17.64 18.81 8.64
CA GLU A 154 -17.80 19.92 7.73
C GLU A 154 -16.46 20.43 7.23
N GLN A 155 -15.46 20.47 8.10
CA GLN A 155 -14.14 20.92 7.66
C GLN A 155 -13.54 19.93 6.67
N ASP A 156 -13.66 18.64 6.98
CA ASP A 156 -13.26 17.61 6.05
C ASP A 156 -13.94 17.78 4.73
N ARG A 157 -15.26 17.98 4.75
CA ARG A 157 -16.00 18.09 3.52
C ARG A 157 -15.51 19.28 2.71
N ALA A 158 -15.27 20.41 3.37
CA ALA A 158 -14.77 21.58 2.66
C ALA A 158 -13.43 21.28 2.00
N TYR A 159 -12.58 20.54 2.71
CA TYR A 159 -11.30 20.15 2.12
C TYR A 159 -11.51 19.17 0.97
N LEU A 160 -12.33 18.16 1.18
CA LEU A 160 -12.50 17.07 0.22
C LEU A 160 -13.12 17.57 -1.06
N GLU A 161 -14.10 18.47 -0.96
CA GLU A 161 -14.74 19.03 -2.12
C GLU A 161 -13.92 20.17 -2.72
N GLY A 162 -12.96 20.69 -1.97
CA GLY A 162 -12.19 21.82 -2.44
C GLY A 162 -10.75 21.43 -2.66
N LEU A 163 -9.90 21.72 -1.67
CA LEU A 163 -8.46 21.56 -1.84
C LEU A 163 -8.10 20.15 -2.27
N CYS A 164 -8.82 19.14 -1.76
CA CYS A 164 -8.49 17.78 -2.13
C CYS A 164 -8.63 17.57 -3.62
N VAL A 165 -9.81 17.89 -4.17
CA VAL A 165 -10.02 17.70 -5.60
C VAL A 165 -9.20 18.68 -6.41
N GLU A 166 -9.01 19.90 -5.91
CA GLU A 166 -8.26 20.90 -6.66
C GLU A 166 -6.80 20.51 -6.79
N SER A 167 -6.19 20.14 -5.67
CA SER A 167 -4.81 19.71 -5.70
C SER A 167 -4.66 18.42 -6.49
N LEU A 168 -5.59 17.48 -6.32
CA LEU A 168 -5.52 16.25 -7.10
C LEU A 168 -5.63 16.55 -8.59
N ARG A 169 -6.53 17.46 -8.97
CA ARG A 169 -6.65 17.84 -10.37
C ARG A 169 -5.33 18.40 -10.87
N ARG A 170 -4.70 19.27 -10.07
CA ARG A 170 -3.41 19.81 -10.47
C ARG A 170 -2.36 18.71 -10.60
N TYR A 171 -2.34 17.78 -9.64
CA TYR A 171 -1.35 16.71 -9.69
C TYR A 171 -1.55 15.86 -10.92
N LEU A 172 -2.80 15.50 -11.20
CA LEU A 172 -3.11 14.72 -12.38
C LEU A 172 -2.64 15.43 -13.63
N GLU A 173 -2.81 16.75 -13.68
CA GLU A 173 -2.33 17.49 -14.85
C GLU A 173 -0.80 17.49 -14.89
N ASN A 174 -0.17 17.88 -13.80
CA ASN A 174 1.29 17.93 -13.74
C ASN A 174 1.89 16.54 -13.94
N GLY A 175 1.21 15.51 -13.46
CA GLY A 175 1.71 14.15 -13.62
C GLY A 175 1.01 13.39 -14.72
N LYS A 176 0.41 14.10 -15.67
CA LYS A 176 -0.45 13.45 -16.65
C LYS A 176 0.29 12.40 -17.46
N GLU A 177 1.59 12.59 -17.69
CA GLU A 177 2.35 11.61 -18.46
C GLU A 177 2.36 10.26 -17.76
N THR A 178 2.29 10.24 -16.43
CA THR A 178 2.32 9.01 -15.68
C THR A 178 1.02 8.73 -14.96
N LEU A 179 0.51 9.70 -14.21
CA LEU A 179 -0.72 9.50 -13.46
C LEU A 179 -1.88 9.16 -14.38
N GLN A 180 -1.88 9.73 -15.57
CA GLN A 180 -2.95 9.50 -16.53
C GLN A 180 -2.53 8.53 -17.61
N ARG A 181 -1.53 7.71 -17.34
CA ARG A 181 -1.12 6.65 -18.26
C ARG A 181 -1.34 5.33 -17.56
N ALA A 182 -2.20 4.51 -18.12
CA ALA A 182 -2.31 3.14 -17.67
C ALA A 182 -1.29 2.32 -18.42
N ASP A 183 -0.48 1.59 -17.70
CA ASP A 183 0.39 0.65 -18.36
C ASP A 183 -0.28 -0.69 -18.34
N PRO A 184 -0.62 -1.27 -19.48
CA PRO A 184 -1.32 -2.53 -19.47
C PRO A 184 -0.42 -3.62 -18.94
N PRO A 185 -0.99 -4.67 -18.36
CA PRO A 185 -0.17 -5.80 -17.96
C PRO A 185 0.42 -6.47 -19.19
N LYS A 186 1.71 -6.75 -19.10
CA LYS A 186 2.34 -7.71 -19.98
C LYS A 186 1.98 -9.07 -19.41
N THR A 187 1.25 -9.86 -20.18
CA THR A 187 0.67 -11.06 -19.64
C THR A 187 1.26 -12.25 -20.36
N HIS A 188 1.45 -13.31 -19.59
CA HIS A 188 1.89 -14.55 -20.21
C HIS A 188 1.56 -15.68 -19.26
N VAL A 189 1.51 -16.88 -19.79
CA VAL A 189 1.28 -18.07 -18.99
C VAL A 189 2.57 -18.86 -18.96
N THR A 190 3.00 -19.21 -17.76
CA THR A 190 4.09 -20.14 -17.58
C THR A 190 3.53 -21.47 -17.10
N HIS A 191 4.34 -22.49 -17.31
CA HIS A 191 3.92 -23.87 -17.15
C HIS A 191 4.99 -24.52 -16.29
N HIS A 192 4.58 -25.08 -15.16
CA HIS A 192 5.50 -25.59 -14.16
C HIS A 192 4.99 -26.95 -13.76
N PRO A 193 5.45 -28.01 -14.42
CA PRO A 193 5.06 -29.35 -13.97
C PRO A 193 5.33 -29.50 -12.48
N ILE A 194 4.31 -29.97 -11.77
CA ILE A 194 4.45 -30.31 -10.35
C ILE A 194 4.84 -31.75 -10.21
N SER A 195 4.21 -32.60 -11.00
CA SER A 195 4.41 -34.04 -10.95
C SER A 195 4.03 -34.57 -12.31
N ASP A 196 4.03 -35.89 -12.45
CA ASP A 196 3.50 -36.49 -13.66
C ASP A 196 2.04 -36.12 -13.86
N HIS A 197 1.34 -35.81 -12.78
CA HIS A 197 -0.12 -35.73 -12.82
C HIS A 197 -0.62 -34.30 -12.91
N GLU A 198 0.19 -33.33 -12.52
CA GLU A 198 -0.29 -31.96 -12.39
C GLU A 198 0.80 -31.01 -12.85
N VAL A 199 0.37 -29.89 -13.41
CA VAL A 199 1.25 -28.79 -13.70
C VAL A 199 0.60 -27.53 -13.18
N THR A 200 1.40 -26.59 -12.77
CA THR A 200 0.91 -25.27 -12.44
C THR A 200 0.92 -24.44 -13.70
N LEU A 201 -0.22 -23.87 -14.04
CA LEU A 201 -0.28 -22.81 -15.01
C LEU A 201 -0.29 -21.53 -14.21
N ARG A 202 0.69 -20.68 -14.44
CA ARG A 202 0.77 -19.41 -13.75
C ARG A 202 0.55 -18.34 -14.78
N CYS A 203 -0.51 -17.57 -14.61
CA CYS A 203 -0.80 -16.46 -15.47
C CYS A 203 -0.23 -15.22 -14.83
N TRP A 204 0.66 -14.57 -15.55
CA TRP A 204 1.39 -13.43 -15.08
C TRP A 204 0.83 -12.18 -15.73
N ALA A 205 0.70 -11.14 -14.91
CA ALA A 205 0.48 -9.79 -15.36
C ALA A 205 1.62 -8.99 -14.76
N LEU A 206 2.40 -8.35 -15.61
CA LEU A 206 3.60 -7.68 -15.15
C LEU A 206 3.62 -6.27 -15.73
N GLY A 207 4.23 -5.36 -15.00
CA GLY A 207 4.49 -4.08 -15.61
C GLY A 207 3.26 -3.23 -15.78
N PHE A 208 2.21 -3.51 -15.03
CA PHE A 208 0.98 -2.77 -15.21
C PHE A 208 0.85 -1.67 -14.17
N TYR A 209 0.13 -0.63 -14.56
CA TYR A 209 -0.16 0.46 -13.67
C TYR A 209 -1.49 0.96 -14.20
N PRO A 210 -2.46 1.26 -13.31
CA PRO A 210 -2.36 1.17 -11.86
C PRO A 210 -2.45 -0.27 -11.38
N ALA A 211 -2.46 -0.45 -10.06
CA ALA A 211 -2.37 -1.77 -9.47
C ALA A 211 -3.63 -2.58 -9.72
N GLU A 212 -4.78 -1.92 -9.80
CA GLU A 212 -6.04 -2.62 -9.95
C GLU A 212 -5.98 -3.51 -11.17
N ILE A 213 -6.25 -4.79 -10.97
CA ILE A 213 -6.23 -5.75 -12.06
C ILE A 213 -7.09 -6.91 -11.61
N THR A 214 -7.69 -7.58 -12.57
CA THR A 214 -8.42 -8.82 -12.31
C THR A 214 -7.69 -9.90 -13.08
N LEU A 215 -7.23 -10.91 -12.36
CA LEU A 215 -6.48 -12.00 -12.94
C LEU A 215 -7.21 -13.25 -12.48
N THR A 216 -7.86 -13.93 -13.41
CA THR A 216 -8.61 -15.10 -13.06
C THR A 216 -8.19 -16.24 -13.96
N TRP A 217 -8.42 -17.45 -13.46
CA TRP A 217 -8.34 -18.62 -14.31
C TRP A 217 -9.74 -19.18 -14.44
N GLN A 218 -10.05 -19.60 -15.65
CA GLN A 218 -11.24 -20.37 -15.92
C GLN A 218 -10.81 -21.74 -16.41
N ARG A 219 -11.55 -22.74 -16.01
CA ARG A 219 -11.43 -24.09 -16.54
C ARG A 219 -12.74 -24.33 -17.28
N ASP A 220 -12.64 -24.63 -18.58
CA ASP A 220 -13.82 -24.80 -19.41
C ASP A 220 -14.74 -23.59 -19.31
N GLY A 221 -14.14 -22.40 -19.27
CA GLY A 221 -14.93 -21.19 -19.20
C GLY A 221 -15.56 -20.92 -17.85
N GLU A 222 -15.19 -21.67 -16.81
CA GLU A 222 -15.77 -21.52 -15.49
C GLU A 222 -14.71 -20.98 -14.56
N ASP A 223 -15.03 -19.87 -13.87
CA ASP A 223 -14.06 -19.23 -12.99
C ASP A 223 -13.57 -20.22 -11.95
N GLN A 224 -12.25 -20.26 -11.76
CA GLN A 224 -11.61 -21.18 -10.84
C GLN A 224 -11.27 -20.49 -9.53
N THR A 225 -12.28 -19.83 -8.95
CA THR A 225 -12.05 -18.97 -7.78
C THR A 225 -11.36 -19.73 -6.66
N GLN A 226 -11.94 -20.85 -6.24
CA GLN A 226 -11.37 -21.61 -5.13
C GLN A 226 -10.09 -22.34 -5.49
N ASP A 227 -9.86 -22.60 -6.77
CA ASP A 227 -8.72 -23.39 -7.21
C ASP A 227 -7.61 -22.54 -7.79
N THR A 228 -7.68 -21.23 -7.65
CA THR A 228 -6.66 -20.33 -8.16
C THR A 228 -5.89 -19.76 -6.97
N GLU A 229 -4.58 -19.94 -6.99
CA GLU A 229 -3.72 -19.20 -6.08
C GLU A 229 -3.49 -17.83 -6.70
N LEU A 230 -3.98 -16.81 -6.04
CA LEU A 230 -3.91 -15.45 -6.56
C LEU A 230 -3.02 -14.67 -5.61
N VAL A 231 -1.80 -14.35 -6.05
CA VAL A 231 -0.94 -13.57 -5.19
C VAL A 231 -1.42 -12.14 -5.15
N GLU A 232 -1.18 -11.49 -4.02
CA GLU A 232 -1.46 -10.08 -3.92
C GLU A 232 -0.72 -9.33 -5.03
N THR A 233 -1.39 -8.37 -5.61
CA THR A 233 -0.73 -7.48 -6.54
C THR A 233 0.43 -6.83 -5.84
N ARG A 234 1.58 -6.85 -6.48
CA ARG A 234 2.79 -6.46 -5.79
C ARG A 234 3.53 -5.43 -6.62
N PRO A 235 4.17 -4.47 -5.96
CA PRO A 235 4.88 -3.43 -6.70
C PRO A 235 6.16 -3.99 -7.29
N ALA A 236 6.40 -3.65 -8.55
CA ALA A 236 7.66 -4.04 -9.17
C ALA A 236 8.80 -3.14 -8.74
N GLY A 237 8.52 -1.94 -8.24
CA GLY A 237 9.52 -0.97 -7.91
C GLY A 237 9.78 0.05 -8.99
N ASP A 238 9.19 -0.14 -10.17
CA ASP A 238 9.32 0.79 -11.28
C ASP A 238 8.02 1.53 -11.52
N ARG A 239 7.20 1.65 -10.47
CA ARG A 239 5.85 2.20 -10.44
C ARG A 239 4.82 1.15 -10.81
N THR A 240 5.24 0.11 -11.52
CA THR A 240 4.26 -0.83 -12.01
C THR A 240 4.05 -1.94 -11.00
N PHE A 241 3.08 -2.78 -11.32
CA PHE A 241 2.69 -3.83 -10.43
C PHE A 241 2.74 -5.14 -11.17
N GLN A 242 2.74 -6.18 -10.37
CA GLN A 242 2.78 -7.53 -10.86
C GLN A 242 1.72 -8.30 -10.11
N LYS A 243 1.22 -9.33 -10.77
CA LYS A 243 0.32 -10.23 -10.11
C LYS A 243 0.38 -11.51 -10.90
N TRP A 244 0.18 -12.61 -10.22
CA TRP A 244 -0.04 -13.82 -10.96
C TRP A 244 -1.15 -14.60 -10.30
N ALA A 245 -1.76 -15.45 -11.11
CA ALA A 245 -2.80 -16.36 -10.67
C ALA A 245 -2.35 -17.71 -11.18
N ALA A 246 -2.32 -18.70 -10.32
CA ALA A 246 -1.87 -20.01 -10.71
C ALA A 246 -3.01 -20.99 -10.48
N VAL A 247 -3.11 -21.96 -11.37
CA VAL A 247 -4.00 -23.08 -11.18
C VAL A 247 -3.16 -24.33 -11.27
N VAL A 248 -3.49 -25.32 -10.45
CA VAL A 248 -2.95 -26.65 -10.59
C VAL A 248 -3.89 -27.40 -11.54
N VAL A 249 -3.36 -27.81 -12.67
CA VAL A 249 -4.18 -28.41 -13.71
C VAL A 249 -3.68 -29.83 -13.93
N PRO A 250 -4.58 -30.78 -14.17
CA PRO A 250 -4.14 -32.13 -14.50
C PRO A 250 -3.26 -32.10 -15.74
N SER A 251 -2.25 -32.96 -15.75
CA SER A 251 -1.38 -33.07 -16.92
C SER A 251 -2.22 -33.26 -18.17
N GLY A 252 -1.85 -32.53 -19.22
CA GLY A 252 -2.54 -32.63 -20.48
C GLY A 252 -3.80 -31.80 -20.58
N GLU A 253 -4.27 -31.21 -19.49
CA GLU A 253 -5.50 -30.43 -19.49
C GLU A 253 -5.25 -28.95 -19.59
N GLU A 254 -4.04 -28.54 -19.97
CA GLU A 254 -3.70 -27.12 -19.98
C GLU A 254 -4.66 -26.31 -20.85
N GLN A 255 -5.09 -26.87 -21.97
CA GLN A 255 -5.92 -26.09 -22.88
C GLN A 255 -7.33 -25.87 -22.36
N ARG A 256 -7.74 -26.60 -21.32
CA ARG A 256 -9.02 -26.31 -20.70
C ARG A 256 -8.98 -25.04 -19.88
N TYR A 257 -7.80 -24.51 -19.64
CA TYR A 257 -7.63 -23.38 -18.75
C TYR A 257 -7.34 -22.14 -19.56
N THR A 258 -8.02 -21.06 -19.19
CA THR A 258 -7.78 -19.77 -19.79
C THR A 258 -7.58 -18.79 -18.67
N CYS A 259 -6.60 -17.94 -18.82
CA CYS A 259 -6.38 -16.87 -17.89
C CYS A 259 -7.04 -15.63 -18.45
N HIS A 260 -7.66 -14.86 -17.57
CA HIS A 260 -8.42 -13.70 -17.99
C HIS A 260 -7.89 -12.52 -17.22
N VAL A 261 -7.56 -11.47 -17.96
CA VAL A 261 -6.91 -10.30 -17.40
C VAL A 261 -7.78 -9.12 -17.73
N GLN A 262 -8.23 -8.43 -16.69
CA GLN A 262 -8.89 -7.16 -16.84
C GLN A 262 -7.97 -6.12 -16.24
N HIS A 263 -7.71 -5.07 -16.99
CA HIS A 263 -6.91 -3.98 -16.48
C HIS A 263 -7.28 -2.76 -17.28
N GLU A 264 -7.30 -1.60 -16.63
CA GLU A 264 -7.73 -0.40 -17.33
C GLU A 264 -6.85 -0.08 -18.52
N GLY A 265 -5.60 -0.54 -18.51
CA GLY A 265 -4.73 -0.38 -19.66
C GLY A 265 -5.05 -1.30 -20.82
N LEU A 266 -5.94 -2.26 -20.62
CA LEU A 266 -6.33 -3.17 -21.69
C LEU A 266 -7.62 -2.67 -22.29
N PRO A 267 -7.65 -2.32 -23.58
CA PRO A 267 -8.92 -1.90 -24.20
C PRO A 267 -10.02 -2.94 -24.04
N LYS A 268 -9.66 -4.22 -24.05
CA LYS A 268 -10.60 -5.29 -23.81
C LYS A 268 -9.93 -6.33 -22.93
N PRO A 269 -10.69 -7.03 -22.09
CA PRO A 269 -10.10 -8.07 -21.26
C PRO A 269 -9.38 -9.10 -22.13
N LEU A 270 -8.20 -9.49 -21.68
CA LEU A 270 -7.38 -10.45 -22.38
C LEU A 270 -7.73 -11.85 -21.93
N THR A 271 -7.68 -12.79 -22.87
CA THR A 271 -7.72 -14.20 -22.56
C THR A 271 -6.41 -14.80 -23.06
N LEU A 272 -5.72 -15.49 -22.16
CA LEU A 272 -4.46 -16.13 -22.44
C LEU A 272 -4.61 -17.62 -22.17
N ARG A 273 -3.80 -18.40 -22.84
CA ARG A 273 -3.72 -19.81 -22.53
C ARG A 273 -2.25 -20.19 -22.53
N TRP A 274 -1.96 -21.31 -21.90
CA TRP A 274 -0.63 -21.86 -21.99
C TRP A 274 -0.34 -22.19 -23.44
N MET B 1 -3.53 -7.74 21.84
CA MET B 1 -3.82 -6.87 20.70
C MET B 1 -3.86 -7.67 19.40
N ILE B 2 -4.87 -7.38 18.58
CA ILE B 2 -5.03 -8.06 17.30
C ILE B 2 -3.89 -7.66 16.38
N GLN B 3 -3.06 -8.63 15.99
CA GLN B 3 -1.93 -8.39 15.12
C GLN B 3 -2.05 -9.23 13.87
N ARG B 4 -1.40 -8.78 12.81
CA ARG B 4 -1.49 -9.44 11.52
C ARG B 4 -0.10 -9.75 11.01
N THR B 5 0.10 -10.98 10.62
CA THR B 5 1.42 -11.40 10.20
C THR B 5 1.66 -10.97 8.76
N PRO B 6 2.90 -10.64 8.42
CA PRO B 6 3.19 -10.18 7.06
C PRO B 6 3.00 -11.31 6.05
N LYS B 7 2.28 -11.01 4.99
CA LYS B 7 2.48 -11.76 3.77
C LYS B 7 3.81 -11.36 3.18
N ILE B 8 4.45 -12.29 2.48
CA ILE B 8 5.78 -12.06 1.94
C ILE B 8 5.78 -12.57 0.52
N GLN B 9 6.14 -11.70 -0.40
CA GLN B 9 6.46 -12.12 -1.75
C GLN B 9 7.87 -11.67 -2.06
N VAL B 10 8.66 -12.61 -2.56
CA VAL B 10 10.01 -12.34 -3.03
C VAL B 10 9.98 -12.56 -4.53
N TYR B 11 10.48 -11.59 -5.28
CA TYR B 11 10.32 -11.63 -6.72
C TYR B 11 11.22 -10.56 -7.27
N SER B 12 11.36 -10.58 -8.59
CA SER B 12 12.19 -9.59 -9.26
C SER B 12 11.30 -8.57 -9.93
N ARG B 13 11.87 -7.39 -10.15
CA ARG B 13 11.14 -6.36 -10.86
C ARG B 13 10.82 -6.80 -12.28
N HIS B 14 11.76 -7.46 -12.93
CA HIS B 14 11.60 -7.97 -14.28
C HIS B 14 11.84 -9.46 -14.26
N PRO B 15 11.33 -10.20 -15.25
CA PRO B 15 11.61 -11.63 -15.32
C PRO B 15 13.11 -11.87 -15.18
N ALA B 16 13.45 -12.80 -14.29
CA ALA B 16 14.84 -13.08 -14.03
C ALA B 16 15.51 -13.59 -15.29
N GLU B 17 16.66 -13.00 -15.61
CA GLU B 17 17.53 -13.47 -16.68
C GLU B 17 18.92 -13.50 -16.10
N ASN B 18 19.50 -14.70 -15.97
CA ASN B 18 20.82 -14.84 -15.38
C ASN B 18 21.82 -13.93 -16.08
N GLY B 19 22.57 -13.16 -15.29
CA GLY B 19 23.51 -12.22 -15.81
C GLY B 19 22.94 -10.85 -16.11
N LYS B 20 21.62 -10.70 -16.08
CA LYS B 20 20.97 -9.42 -16.36
C LYS B 20 20.65 -8.72 -15.05
N SER B 21 21.11 -7.48 -14.92
CA SER B 21 20.83 -6.71 -13.72
C SER B 21 19.32 -6.56 -13.56
N ASN B 22 18.85 -6.71 -12.32
CA ASN B 22 17.44 -6.74 -12.03
C ASN B 22 17.25 -6.08 -10.67
N PHE B 23 16.04 -6.11 -10.16
CA PHE B 23 15.78 -5.69 -8.80
C PHE B 23 15.15 -6.85 -8.06
N LEU B 24 15.71 -7.19 -6.91
CA LEU B 24 15.14 -8.20 -6.05
C LEU B 24 14.18 -7.49 -5.11
N ASN B 25 12.92 -7.89 -5.15
CA ASN B 25 11.91 -7.26 -4.34
C ASN B 25 11.47 -8.22 -3.25
N CYS B 26 11.32 -7.71 -2.05
CA CYS B 26 10.59 -8.41 -1.03
C CYS B 26 9.44 -7.51 -0.63
N TYR B 27 8.24 -7.92 -1.00
CA TYR B 27 7.05 -7.17 -0.69
C TYR B 27 6.47 -7.82 0.56
N VAL B 28 6.47 -7.08 1.64
CA VAL B 28 5.81 -7.51 2.88
C VAL B 28 4.55 -6.70 2.99
N SER B 29 3.45 -7.38 3.29
CA SER B 29 2.18 -6.70 3.27
C SER B 29 1.27 -7.40 4.25
N GLY B 30 0.11 -6.80 4.47
CA GLY B 30 -0.88 -7.42 5.31
C GLY B 30 -0.50 -7.50 6.77
N PHE B 31 0.55 -6.80 7.18
CA PHE B 31 1.01 -6.95 8.55
C PHE B 31 0.58 -5.79 9.41
N HIS B 32 0.50 -6.06 10.69
CA HIS B 32 0.19 -5.04 11.67
C HIS B 32 0.64 -5.61 13.00
N PRO B 33 1.38 -4.86 13.81
CA PRO B 33 1.79 -3.47 13.61
C PRO B 33 2.86 -3.29 12.54
N SER B 34 3.28 -2.04 12.37
CA SER B 34 4.10 -1.67 11.23
C SER B 34 5.55 -2.08 11.39
N ASP B 35 6.01 -2.23 12.62
CA ASP B 35 7.40 -2.64 12.86
C ASP B 35 7.63 -3.97 12.19
N ILE B 36 8.61 -4.01 11.30
CA ILE B 36 8.92 -5.23 10.58
C ILE B 36 10.39 -5.19 10.23
N GLU B 37 11.03 -6.34 10.33
CA GLU B 37 12.43 -6.47 9.95
C GLU B 37 12.46 -7.29 8.69
N VAL B 38 13.02 -6.71 7.63
CA VAL B 38 13.11 -7.38 6.35
C VAL B 38 14.54 -7.31 5.90
N ASP B 39 15.15 -8.47 5.68
CA ASP B 39 16.45 -8.55 5.07
C ASP B 39 16.30 -9.26 3.74
N LEU B 40 17.03 -8.79 2.74
CA LEU B 40 17.20 -9.55 1.51
C LEU B 40 18.48 -10.36 1.67
N LEU B 41 18.39 -11.65 1.42
CA LEU B 41 19.50 -12.56 1.62
C LEU B 41 20.04 -12.98 0.26
N LYS B 42 21.35 -12.94 0.11
CA LYS B 42 22.04 -13.54 -1.03
C LYS B 42 22.83 -14.71 -0.48
N ASN B 43 22.42 -15.93 -0.84
CA ASN B 43 23.06 -17.14 -0.36
C ASN B 43 23.08 -17.18 1.17
N GLY B 44 21.96 -16.78 1.78
CA GLY B 44 21.81 -16.78 3.21
C GLY B 44 22.41 -15.59 3.93
N GLU B 45 23.14 -14.74 3.22
CA GLU B 45 23.80 -13.59 3.85
C GLU B 45 23.02 -12.32 3.54
N ARG B 46 22.91 -11.46 4.54
CA ARG B 46 22.12 -10.25 4.39
C ARG B 46 22.74 -9.34 3.34
N ILE B 47 21.96 -9.00 2.32
CA ILE B 47 22.37 -7.99 1.36
C ILE B 47 22.35 -6.64 2.06
N GLU B 48 23.43 -5.88 1.89
CA GLU B 48 23.53 -4.57 2.51
C GLU B 48 22.88 -3.52 1.62
N LYS B 49 22.57 -2.37 2.23
CA LYS B 49 22.01 -1.21 1.52
C LYS B 49 20.69 -1.52 0.84
N VAL B 50 19.95 -2.53 1.32
CA VAL B 50 18.61 -2.78 0.81
C VAL B 50 17.74 -1.59 1.11
N GLU B 51 17.09 -1.05 0.08
CA GLU B 51 16.17 0.06 0.28
C GLU B 51 14.77 -0.48 0.49
N HIS B 52 13.93 0.35 1.08
CA HIS B 52 12.55 -0.03 1.29
C HIS B 52 11.64 1.15 0.97
N SER B 53 10.44 0.82 0.53
CA SER B 53 9.43 1.82 0.26
C SER B 53 9.00 2.49 1.56
N ASP B 54 8.29 3.59 1.42
CA ASP B 54 7.78 4.30 2.58
C ASP B 54 6.57 3.59 3.14
N LEU B 55 6.49 3.55 4.47
CA LEU B 55 5.42 2.84 5.14
C LEU B 55 4.07 3.30 4.63
N SER B 56 3.35 2.37 4.01
CA SER B 56 2.00 2.60 3.53
CA SER B 56 1.99 2.62 3.57
C SER B 56 1.13 1.49 4.07
N PHE B 57 -0.17 1.63 3.87
CA PHE B 57 -1.03 0.56 4.34
C PHE B 57 -2.21 0.44 3.41
N SER B 58 -2.85 -0.71 3.51
CA SER B 58 -3.94 -1.09 2.65
C SER B 58 -5.25 -0.65 3.29
N LYS B 59 -6.34 -0.89 2.57
CA LYS B 59 -7.66 -0.47 3.07
C LYS B 59 -7.97 -1.11 4.41
N ASP B 60 -7.45 -2.31 4.66
CA ASP B 60 -7.69 -2.96 5.94
C ASP B 60 -6.70 -2.52 7.01
N TRP B 61 -5.98 -1.44 6.74
CA TRP B 61 -5.04 -0.82 7.66
C TRP B 61 -3.76 -1.62 7.81
N SER B 62 -3.70 -2.79 7.20
CA SER B 62 -2.48 -3.57 7.29
C SER B 62 -1.40 -2.91 6.46
N PHE B 63 -0.18 -2.99 6.95
CA PHE B 63 0.89 -2.25 6.32
C PHE B 63 1.50 -3.05 5.19
N TYR B 64 2.13 -2.34 4.28
CA TYR B 64 2.93 -3.00 3.29
C TYR B 64 4.19 -2.18 3.06
N LEU B 65 5.26 -2.89 2.78
CA LEU B 65 6.54 -2.30 2.47
C LEU B 65 7.14 -3.11 1.35
N LEU B 66 7.85 -2.43 0.47
CA LEU B 66 8.64 -3.11 -0.54
C LEU B 66 10.09 -2.91 -0.15
N TYR B 67 10.77 -4.00 0.14
CA TYR B 67 12.22 -3.98 0.27
C TYR B 67 12.81 -4.42 -1.05
N TYR B 68 13.83 -3.71 -1.49
CA TYR B 68 14.33 -3.98 -2.83
C TYR B 68 15.81 -3.65 -2.88
N THR B 69 16.49 -4.36 -3.76
CA THR B 69 17.89 -4.08 -4.02
C THR B 69 18.16 -4.48 -5.46
N GLU B 70 19.08 -3.77 -6.09
CA GLU B 70 19.56 -4.19 -7.39
C GLU B 70 20.32 -5.48 -7.21
N PHE B 71 19.98 -6.49 -8.01
CA PHE B 71 20.72 -7.73 -8.00
C PHE B 71 20.86 -8.24 -9.43
N THR B 72 21.90 -9.02 -9.66
CA THR B 72 22.08 -9.68 -10.94
C THR B 72 21.91 -11.16 -10.68
N PRO B 73 20.72 -11.73 -10.91
CA PRO B 73 20.52 -13.14 -10.60
C PRO B 73 21.40 -14.02 -11.47
N THR B 74 21.78 -15.15 -10.90
CA THR B 74 22.51 -16.18 -11.62
C THR B 74 21.79 -17.51 -11.42
N GLU B 75 22.34 -18.57 -12.02
CA GLU B 75 21.74 -19.88 -11.84
C GLU B 75 21.88 -20.34 -10.39
N LYS B 76 23.04 -20.14 -9.78
CA LYS B 76 23.34 -20.76 -8.50
C LYS B 76 23.06 -19.86 -7.31
N ASP B 77 23.10 -18.54 -7.49
CA ASP B 77 22.87 -17.63 -6.37
C ASP B 77 21.45 -17.75 -5.87
N GLU B 78 21.30 -18.16 -4.62
CA GLU B 78 19.99 -18.25 -4.00
C GLU B 78 19.70 -16.93 -3.30
N TYR B 79 18.56 -16.34 -3.62
CA TYR B 79 18.12 -15.13 -2.95
C TYR B 79 16.90 -15.44 -2.10
N ALA B 80 16.77 -14.70 -1.02
CA ALA B 80 15.66 -14.91 -0.13
C ALA B 80 15.32 -13.60 0.53
N CYS B 81 14.14 -13.58 1.12
CA CYS B 81 13.74 -12.48 1.97
C CYS B 81 13.48 -13.03 3.35
N ARG B 82 14.14 -12.45 4.34
CA ARG B 82 13.99 -12.86 5.73
C ARG B 82 13.18 -11.78 6.42
N VAL B 83 12.04 -12.16 6.95
CA VAL B 83 11.11 -11.21 7.51
C VAL B 83 10.91 -11.56 8.97
N ASN B 84 11.12 -10.58 9.83
CA ASN B 84 10.73 -10.74 11.22
C ASN B 84 9.65 -9.72 11.54
N HIS B 85 8.75 -10.13 12.41
CA HIS B 85 7.61 -9.32 12.78
C HIS B 85 7.18 -9.84 14.14
N VAL B 86 6.47 -9.00 14.89
CA VAL B 86 6.07 -9.40 16.22
C VAL B 86 5.22 -10.67 16.17
N THR B 87 4.47 -10.86 15.09
CA THR B 87 3.63 -12.04 14.93
C THR B 87 4.42 -13.29 14.64
N LEU B 88 5.71 -13.17 14.33
CA LEU B 88 6.53 -14.31 13.96
C LEU B 88 7.42 -14.69 15.14
N SER B 89 7.32 -15.95 15.56
CA SER B 89 8.19 -16.44 16.62
C SER B 89 9.65 -16.45 16.19
N GLN B 90 9.92 -16.67 14.91
CA GLN B 90 11.26 -16.60 14.34
C GLN B 90 11.15 -15.98 12.97
N PRO B 91 12.24 -15.43 12.44
CA PRO B 91 12.18 -14.81 11.11
C PRO B 91 11.70 -15.81 10.08
N LYS B 92 10.78 -15.35 9.23
CA LYS B 92 10.31 -16.17 8.12
C LYS B 92 11.19 -15.88 6.92
N ILE B 93 11.71 -16.94 6.31
CA ILE B 93 12.58 -16.83 5.16
C ILE B 93 11.82 -17.36 3.96
N VAL B 94 11.49 -16.48 3.03
CA VAL B 94 10.90 -16.87 1.76
C VAL B 94 11.99 -16.79 0.72
N LYS B 95 12.30 -17.93 0.12
CA LYS B 95 13.33 -17.95 -0.91
C LYS B 95 12.78 -17.30 -2.17
N TRP B 96 13.66 -16.61 -2.89
CA TRP B 96 13.25 -16.06 -4.17
C TRP B 96 13.17 -17.18 -5.18
N ASP B 97 11.99 -17.32 -5.78
CA ASP B 97 11.77 -18.28 -6.86
C ASP B 97 11.44 -17.43 -8.07
N ARG B 98 12.30 -17.49 -9.09
CA ARG B 98 12.12 -16.66 -10.26
C ARG B 98 10.81 -16.95 -10.99
N ASP B 99 10.18 -18.08 -10.72
CA ASP B 99 8.91 -18.42 -11.31
C ASP B 99 7.73 -17.95 -10.47
N MET B 100 7.97 -17.17 -9.42
CA MET B 100 6.89 -16.70 -8.57
C MET B 100 6.99 -15.21 -8.28
N GLU C 1 -2.55 17.94 -2.00
CA GLU C 1 -2.35 18.76 -0.81
C GLU C 1 -3.14 18.24 0.35
N GLU C 2 -2.56 18.36 1.52
CA GLU C 2 -3.13 17.80 2.72
C GLU C 2 -4.15 18.74 3.34
N PHE C 3 -4.93 18.18 4.25
CA PHE C 3 -5.80 18.93 5.13
C PHE C 3 -5.20 18.80 6.52
N GLY C 4 -4.63 19.90 7.02
CA GLY C 4 -3.86 19.80 8.25
C GLY C 4 -4.65 19.70 9.52
N ARG C 5 -5.96 19.97 9.47
CA ARG C 5 -6.76 20.08 10.67
C ARG C 5 -6.60 18.84 11.55
N CYS C 6 -6.26 19.08 12.81
CA CYS C 6 -6.07 17.99 13.76
C CYS C 6 -6.14 18.53 15.18
N GLY D 1 -8.26 16.06 16.07
CA GLY D 1 -7.70 15.30 17.16
C GLY D 1 -8.69 14.42 17.86
N LEU D 2 -8.35 13.14 18.02
CA LEU D 2 -9.23 12.14 18.59
C LEU D 2 -9.85 12.58 19.91
#